data_7M1S
#
_entry.id   7M1S
#
_cell.length_a   59.631
_cell.length_b   140.569
_cell.length_c   240.079
_cell.angle_alpha   90.000
_cell.angle_beta   90.000
_cell.angle_gamma   90.000
#
_symmetry.space_group_name_H-M   'C 2 2 21'
#
loop_
_entity.id
_entity.type
_entity.pdbx_description
1 polymer 'Guanylate-binding protein 2'
2 non-polymer 'PHOSPHATE ION'
3 water water
#
_entity_poly.entity_id   1
_entity_poly.type   'polypeptide(L)'
_entity_poly.pdbx_seq_one_letter_code
;MAPEINLPGPMSLIDNTKGQLVVNPEALKILSAITQPVVVVAIVGLYRTGASYLMNKLAGKKNGFSLGSTVKSHTKGIWM
WCVPHPKKPEHTLVLLDTEGLGDIEKGDNENDSWIFALAILLSSTFVYNSMGTINQQAMDQLHYVTELTDRIKANSSPGN
NSVDDSADFVSFFPAFVWTLRDFTLELEVDGEPITADDYLELSLKLRKGTDKKSKSFNDPRLCIRKFFPKRKCFVFDWPA
PKKYLAHLEQLKEEELNPDFIEQVAEFCSYILSHSNVKTLSGGIPVNGPRLESLVLTYVNAISSGDLPCRENAVLALAQI
ENSAAVEKAIAHYEQQMGQKVQLPTETLQELLDLHRDSEREAIEVFMKNSFKDVDQMFQRKLGAQLEARRDDFCKQNSKA
SSDCCMALLQDIFGPLEEDVKQGTFSKPGGYRLFTQKLQELKNKYYQVPRKGIQAKEVLKKYLESKEDVADALLQTDQSL
SEKEKAIEVERIKAESAEAAKKMLEEIQKKNEEMMEQKEKSYQEHVKQLTEKMERDRAQLMAEQEKTLALKLQEQERLLK
EGFENESKRLQKDIWDIQMRSKSLEPICNIL
;
_entity_poly.pdbx_strand_id   A
#
# COMPACT_ATOMS: atom_id res chain seq x y z
N PRO A 3 -1.72 -5.30 26.40
CA PRO A 3 -2.55 -5.98 25.43
C PRO A 3 -4.06 -5.83 25.72
N GLU A 4 -4.73 -4.92 24.99
CA GLU A 4 -6.18 -4.70 25.18
C GLU A 4 -6.86 -4.60 23.80
N ILE A 5 -6.52 -3.57 23.01
CA ILE A 5 -7.17 -3.37 21.67
C ILE A 5 -8.66 -3.73 21.79
N ASN A 6 -9.35 -3.10 22.73
CA ASN A 6 -10.78 -3.41 22.95
C ASN A 6 -11.62 -2.82 21.82
N LEU A 7 -12.62 -3.60 21.39
CA LEU A 7 -13.45 -3.23 20.23
C LEU A 7 -14.88 -2.81 20.65
N PRO A 8 -15.49 -1.70 20.12
CA PRO A 8 -16.79 -1.19 20.63
C PRO A 8 -18.03 -1.91 20.10
N GLY A 9 -19.21 -1.42 20.51
CA GLY A 9 -20.48 -1.96 20.05
C GLY A 9 -20.93 -1.33 18.74
N PRO A 10 -22.03 -1.84 18.20
CA PRO A 10 -22.52 -1.38 16.89
C PRO A 10 -22.53 0.13 16.73
N MET A 11 -22.29 0.59 15.50
CA MET A 11 -21.99 2.01 15.34
C MET A 11 -22.32 2.44 13.91
N SER A 12 -22.87 3.64 13.76
CA SER A 12 -22.97 4.26 12.43
C SER A 12 -21.61 4.35 11.73
N LEU A 13 -21.50 3.76 10.52
CA LEU A 13 -20.36 4.06 9.67
C LEU A 13 -20.70 5.07 8.57
N ILE A 14 -21.58 4.73 7.62
CA ILE A 14 -22.27 5.70 6.77
C ILE A 14 -23.63 6.03 7.36
N ASP A 15 -24.08 7.30 7.16
CA ASP A 15 -25.46 7.70 7.55
C ASP A 15 -26.17 8.53 6.45
N ASN A 16 -27.27 8.03 5.91
CA ASN A 16 -28.03 8.81 4.90
C ASN A 16 -28.76 9.93 5.61
N THR A 17 -28.46 11.18 5.26
CA THR A 17 -29.18 12.35 5.83
C THR A 17 -29.55 13.21 4.63
N LYS A 18 -30.63 13.97 4.70
CA LYS A 18 -31.10 14.74 3.53
C LYS A 18 -30.95 13.86 2.30
N GLY A 19 -30.18 14.32 1.33
CA GLY A 19 -29.89 13.46 0.18
C GLY A 19 -28.41 13.19 0.14
N GLN A 20 -27.76 13.25 1.30
CA GLN A 20 -26.29 13.17 1.32
C GLN A 20 -25.77 12.02 2.16
N LEU A 21 -24.76 11.33 1.64
CA LEU A 21 -24.07 10.28 2.37
C LEU A 21 -23.03 10.93 3.28
N VAL A 22 -22.84 10.37 4.47
CA VAL A 22 -22.00 10.98 5.49
C VAL A 22 -21.21 9.89 6.21
N VAL A 23 -19.92 10.09 6.35
CA VAL A 23 -19.06 9.18 7.08
C VAL A 23 -19.05 9.56 8.55
N ASN A 24 -18.88 8.58 9.44
CA ASN A 24 -18.71 8.87 10.86
C ASN A 24 -17.22 8.98 11.17
N PRO A 25 -16.70 10.17 11.54
CA PRO A 25 -15.25 10.30 11.78
C PRO A 25 -14.75 9.43 12.91
N GLU A 26 -15.56 9.21 13.96
CA GLU A 26 -15.23 8.16 14.93
C GLU A 26 -15.30 6.76 14.37
N ALA A 27 -16.27 6.44 13.50
CA ALA A 27 -16.24 5.12 12.89
C ALA A 27 -14.87 4.85 12.27
N LEU A 28 -14.39 5.81 11.45
CA LEU A 28 -13.04 5.72 10.90
C LEU A 28 -11.98 5.69 12.00
N LYS A 29 -12.18 6.43 13.09
CA LYS A 29 -11.18 6.45 14.14
C LYS A 29 -11.00 5.07 14.77
N ILE A 30 -12.11 4.34 14.97
CA ILE A 30 -12.00 2.94 15.39
C ILE A 30 -11.33 2.13 14.30
N LEU A 31 -11.68 2.39 13.04
CA LEU A 31 -11.17 1.56 11.96
C LEU A 31 -9.65 1.67 11.87
N SER A 32 -9.13 2.88 12.02
CA SER A 32 -7.69 3.12 11.93
C SER A 32 -6.90 2.39 12.99
N ALA A 33 -7.54 1.71 13.94
CA ALA A 33 -6.84 1.07 15.04
C ALA A 33 -6.75 -0.45 14.90
N ILE A 34 -7.47 -1.08 13.97
CA ILE A 34 -7.40 -2.52 13.79
C ILE A 34 -6.23 -2.78 12.85
N THR A 35 -5.07 -3.13 13.41
CA THR A 35 -3.90 -3.46 12.59
C THR A 35 -3.98 -4.86 12.01
N GLN A 36 -4.96 -5.60 12.50
CA GLN A 36 -5.03 -7.00 12.11
C GLN A 36 -5.76 -7.17 10.77
N PRO A 37 -5.56 -8.27 10.00
CA PRO A 37 -6.36 -8.51 8.79
C PRO A 37 -7.83 -8.74 9.14
N VAL A 38 -8.71 -8.11 8.36
CA VAL A 38 -10.12 -8.10 8.67
C VAL A 38 -10.87 -9.05 7.74
N VAL A 39 -12.07 -9.48 8.20
CA VAL A 39 -13.02 -10.23 7.37
C VAL A 39 -14.32 -9.46 7.41
N VAL A 40 -14.53 -8.57 6.44
CA VAL A 40 -15.83 -7.89 6.32
C VAL A 40 -16.89 -8.88 5.86
N VAL A 41 -18.04 -8.85 6.51
CA VAL A 41 -19.20 -9.69 6.21
C VAL A 41 -20.38 -8.73 6.23
N ALA A 42 -20.82 -8.29 5.06
CA ALA A 42 -22.00 -7.45 5.02
C ALA A 42 -23.25 -8.32 5.12
N ILE A 43 -24.20 -7.93 5.98
CA ILE A 43 -25.53 -8.55 6.09
C ILE A 43 -26.51 -7.54 5.49
N VAL A 44 -26.81 -7.63 4.22
CA VAL A 44 -27.63 -6.61 3.56
C VAL A 44 -29.03 -7.16 3.37
N GLY A 45 -30.04 -6.36 3.66
CA GLY A 45 -31.40 -6.81 3.54
C GLY A 45 -32.36 -5.64 3.66
N LEU A 46 -33.52 -5.78 3.01
CA LEU A 46 -34.59 -4.81 3.24
C LEU A 46 -35.02 -4.84 4.70
N TYR A 47 -35.53 -3.71 5.16
CA TYR A 47 -35.86 -3.52 6.56
C TYR A 47 -37.07 -4.42 6.90
N ARG A 48 -37.19 -4.77 8.18
CA ARG A 48 -38.21 -5.71 8.68
C ARG A 48 -38.02 -7.13 8.13
N THR A 49 -36.80 -7.49 7.74
CA THR A 49 -36.50 -8.88 7.43
C THR A 49 -35.45 -9.46 8.36
N GLY A 50 -35.07 -8.71 9.39
CA GLY A 50 -34.23 -9.23 10.44
C GLY A 50 -32.83 -9.60 10.02
N ALA A 51 -32.22 -8.79 9.15
CA ALA A 51 -30.79 -8.95 8.95
C ALA A 51 -30.05 -8.77 10.27
N SER A 52 -30.48 -7.80 11.08
CA SER A 52 -29.73 -7.48 12.28
C SER A 52 -29.67 -8.67 13.23
N TYR A 53 -30.66 -9.57 13.18
CA TYR A 53 -30.55 -10.79 13.96
C TYR A 53 -29.33 -11.59 13.52
N LEU A 54 -29.24 -11.82 12.21
CA LEU A 54 -28.11 -12.53 11.61
C LEU A 54 -26.79 -11.93 12.06
N MET A 55 -26.69 -10.60 12.02
CA MET A 55 -25.52 -9.96 12.59
C MET A 55 -25.31 -10.39 14.03
N ASN A 56 -26.32 -10.13 14.87
CA ASN A 56 -26.18 -10.35 16.31
C ASN A 56 -25.61 -11.73 16.59
N LYS A 57 -26.17 -12.77 15.98
CA LYS A 57 -25.66 -14.10 16.30
C LYS A 57 -24.29 -14.32 15.69
N LEU A 58 -24.03 -13.70 14.54
CA LEU A 58 -22.70 -13.79 13.96
C LEU A 58 -21.69 -13.01 14.81
N ALA A 59 -22.12 -11.95 15.49
CA ALA A 59 -21.26 -11.25 16.42
C ALA A 59 -21.07 -11.99 17.75
N GLY A 60 -21.66 -13.17 17.94
CA GLY A 60 -21.49 -13.92 19.18
C GLY A 60 -22.44 -13.51 20.31
N LYS A 61 -23.55 -12.80 19.98
CA LYS A 61 -24.61 -12.52 20.94
C LYS A 61 -25.32 -13.84 21.24
N LYS A 62 -25.61 -14.10 22.52
CA LYS A 62 -26.37 -15.31 22.91
C LYS A 62 -27.81 -15.24 22.37
N ASN A 63 -28.57 -14.22 22.74
CA ASN A 63 -29.94 -14.07 22.20
C ASN A 63 -29.92 -12.93 21.20
N GLY A 64 -30.02 -13.27 19.92
CA GLY A 64 -29.88 -12.22 18.90
C GLY A 64 -31.13 -11.40 18.75
N PHE A 65 -32.23 -11.83 19.36
CA PHE A 65 -33.51 -11.11 19.16
C PHE A 65 -33.48 -9.90 20.07
N SER A 66 -32.56 -9.90 21.03
CA SER A 66 -32.52 -8.81 22.02
C SER A 66 -31.56 -7.70 21.60
N LEU A 67 -31.69 -6.54 22.22
CA LEU A 67 -30.79 -5.38 22.01
C LEU A 67 -30.68 -5.08 20.52
N GLY A 68 -31.79 -4.64 19.94
CA GLY A 68 -31.81 -4.38 18.49
C GLY A 68 -30.77 -3.36 18.08
N SER A 69 -30.24 -3.49 16.86
CA SER A 69 -29.23 -2.54 16.33
C SER A 69 -29.90 -1.18 16.13
N THR A 70 -31.23 -1.14 16.13
CA THR A 70 -31.95 0.16 16.06
C THR A 70 -31.96 0.76 17.45
N VAL A 71 -30.77 1.04 18.01
CA VAL A 71 -30.65 1.63 19.37
C VAL A 71 -31.35 2.98 19.35
N LYS A 72 -31.52 3.57 18.16
CA LYS A 72 -32.24 4.85 18.01
C LYS A 72 -33.07 4.73 16.72
N SER A 73 -33.99 5.66 16.49
CA SER A 73 -34.76 5.64 15.23
C SER A 73 -34.11 6.59 14.22
N HIS A 74 -34.59 6.61 12.98
CA HIS A 74 -34.09 7.45 11.89
C HIS A 74 -32.58 7.24 11.67
N THR A 75 -32.15 5.99 11.71
CA THR A 75 -30.76 5.62 11.50
C THR A 75 -30.66 4.85 10.19
N LYS A 76 -30.77 5.59 9.07
CA LYS A 76 -30.68 4.98 7.75
C LYS A 76 -29.23 5.04 7.26
N GLY A 77 -28.65 3.89 6.95
CA GLY A 77 -27.28 3.87 6.45
C GLY A 77 -26.60 2.56 6.82
N ILE A 78 -25.28 2.54 6.62
CA ILE A 78 -24.46 1.36 6.90
C ILE A 78 -23.94 1.45 8.32
N TRP A 79 -24.02 0.34 9.05
CA TRP A 79 -23.63 0.28 10.46
C TRP A 79 -22.62 -0.83 10.66
N MET A 80 -21.63 -0.58 11.52
CA MET A 80 -20.44 -1.39 11.67
C MET A 80 -20.43 -2.11 13.00
N TRP A 81 -19.89 -3.32 13.01
CA TRP A 81 -19.57 -4.05 14.23
C TRP A 81 -18.20 -4.67 14.06
N CYS A 82 -17.34 -4.52 15.06
CA CYS A 82 -15.98 -5.02 15.01
C CYS A 82 -15.77 -5.98 16.16
N VAL A 83 -15.52 -7.24 15.85
CA VAL A 83 -15.43 -8.30 16.85
C VAL A 83 -14.16 -9.08 16.56
N PRO A 84 -13.40 -9.53 17.56
CA PRO A 84 -12.29 -10.43 17.25
C PRO A 84 -12.83 -11.69 16.57
N HIS A 85 -12.08 -12.18 15.59
CA HIS A 85 -12.55 -13.35 14.86
C HIS A 85 -12.47 -14.58 15.77
N PRO A 86 -13.57 -15.33 15.92
CA PRO A 86 -13.57 -16.42 16.90
C PRO A 86 -12.76 -17.64 16.49
N LYS A 87 -12.56 -17.88 15.19
CA LYS A 87 -11.82 -19.04 14.70
C LYS A 87 -10.49 -18.73 14.03
N LYS A 88 -10.45 -17.54 13.41
CA LYS A 88 -9.21 -17.07 12.76
C LYS A 88 -8.40 -16.29 13.81
N PRO A 89 -7.46 -16.85 14.62
CA PRO A 89 -6.73 -16.01 15.60
C PRO A 89 -5.94 -14.92 14.92
N GLU A 90 -5.66 -13.86 15.68
CA GLU A 90 -4.97 -12.68 15.18
C GLU A 90 -5.72 -12.03 14.02
N HIS A 91 -7.04 -12.24 13.94
CA HIS A 91 -7.90 -11.58 12.96
C HIS A 91 -9.11 -10.99 13.67
N THR A 92 -9.69 -9.93 13.07
CA THR A 92 -10.90 -9.31 13.57
C THR A 92 -11.98 -9.34 12.50
N LEU A 93 -13.11 -9.95 12.81
CA LEU A 93 -14.29 -9.95 11.95
C LEU A 93 -14.97 -8.59 11.99
N VAL A 94 -15.36 -8.06 10.83
CA VAL A 94 -15.95 -6.73 10.72
C VAL A 94 -17.30 -6.90 10.07
N LEU A 95 -18.36 -6.61 10.80
CA LEU A 95 -19.72 -6.81 10.35
C LEU A 95 -20.30 -5.52 9.82
N LEU A 96 -21.20 -5.63 8.85
CA LEU A 96 -21.85 -4.42 8.33
C LEU A 96 -23.35 -4.70 8.18
N ASP A 97 -24.19 -3.68 8.36
CA ASP A 97 -25.65 -3.87 8.20
C ASP A 97 -26.23 -2.73 7.41
N THR A 98 -27.29 -3.01 6.69
CA THR A 98 -28.00 -1.93 6.00
C THR A 98 -29.23 -1.65 6.85
N GLU A 99 -29.39 -0.44 7.30
CA GLU A 99 -30.54 -0.23 8.18
C GLU A 99 -31.80 0.13 7.39
N GLY A 100 -31.87 1.35 6.85
CA GLY A 100 -33.17 1.82 6.37
C GLY A 100 -33.58 1.45 4.97
N LEU A 101 -33.14 0.29 4.48
CA LEU A 101 -33.15 -0.02 3.04
C LEU A 101 -34.57 -0.33 2.61
N GLY A 102 -35.24 0.63 1.97
CA GLY A 102 -36.63 0.45 1.59
C GLY A 102 -37.54 1.60 1.97
N ASP A 103 -37.21 2.29 3.07
CA ASP A 103 -38.00 3.44 3.53
C ASP A 103 -38.09 4.53 2.47
N ILE A 104 -39.30 5.01 2.21
CA ILE A 104 -39.46 6.10 1.21
C ILE A 104 -39.31 7.43 1.93
N GLU A 105 -38.20 8.13 1.72
CA GLU A 105 -38.05 9.48 2.31
C GLU A 105 -38.21 10.52 1.21
N LYS A 106 -37.62 11.70 1.39
CA LYS A 106 -37.77 12.77 0.38
C LYS A 106 -37.12 12.40 -0.95
N GLY A 107 -37.86 12.50 -2.05
CA GLY A 107 -37.23 12.36 -3.38
C GLY A 107 -37.00 10.97 -3.91
N ASP A 108 -36.22 10.87 -4.99
CA ASP A 108 -35.98 9.57 -5.67
C ASP A 108 -35.11 8.66 -4.79
N ASN A 109 -34.48 9.20 -3.75
CA ASN A 109 -33.72 8.31 -2.83
C ASN A 109 -32.79 7.33 -3.55
N GLU A 110 -31.89 7.83 -4.39
CA GLU A 110 -30.92 6.90 -5.02
C GLU A 110 -29.98 6.39 -3.94
N ASN A 111 -29.86 7.14 -2.85
CA ASN A 111 -28.87 6.73 -1.84
C ASN A 111 -29.09 5.27 -1.46
N ASP A 112 -30.27 4.75 -1.70
CA ASP A 112 -30.58 3.36 -1.36
C ASP A 112 -29.67 2.39 -2.12
N SER A 113 -29.70 2.47 -3.45
CA SER A 113 -28.84 1.61 -4.26
C SER A 113 -27.38 1.92 -4.02
N TRP A 114 -27.06 3.16 -3.65
CA TRP A 114 -25.69 3.47 -3.21
C TRP A 114 -25.32 2.64 -2.00
N ILE A 115 -26.23 2.53 -1.03
CA ILE A 115 -25.99 1.65 0.12
C ILE A 115 -25.60 0.28 -0.40
N PHE A 116 -26.42 -0.25 -1.31
CA PHE A 116 -26.16 -1.60 -1.83
C PHE A 116 -24.76 -1.72 -2.42
N ALA A 117 -24.49 -0.95 -3.49
CA ALA A 117 -23.19 -0.89 -4.14
C ALA A 117 -22.05 -0.81 -3.13
N LEU A 118 -22.10 0.19 -2.25
CA LEU A 118 -21.03 0.38 -1.30
C LEU A 118 -20.82 -0.86 -0.45
N ALA A 119 -21.92 -1.48 0.02
CA ALA A 119 -21.80 -2.72 0.80
C ALA A 119 -21.03 -3.77 0.02
N ILE A 120 -21.31 -3.89 -1.28
CA ILE A 120 -20.58 -4.86 -2.10
C ILE A 120 -19.09 -4.52 -2.16
N LEU A 121 -18.77 -3.27 -2.54
CA LEU A 121 -17.37 -2.83 -2.64
C LEU A 121 -16.58 -3.10 -1.36
N LEU A 122 -17.18 -2.84 -0.19
CA LEU A 122 -16.42 -3.01 1.05
C LEU A 122 -16.34 -4.44 1.54
N SER A 123 -17.19 -5.35 1.08
CA SER A 123 -17.37 -6.63 1.75
C SER A 123 -16.43 -7.69 1.17
N SER A 124 -16.27 -8.78 1.92
CA SER A 124 -15.65 -9.99 1.41
C SER A 124 -16.52 -11.21 1.60
N THR A 125 -17.71 -11.06 2.18
CA THR A 125 -18.82 -11.98 2.04
C THR A 125 -20.08 -11.14 2.10
N PHE A 126 -21.02 -11.40 1.22
CA PHE A 126 -22.18 -10.53 1.04
C PHE A 126 -23.43 -11.35 1.25
N VAL A 127 -24.01 -11.24 2.45
CA VAL A 127 -25.22 -11.97 2.79
C VAL A 127 -26.40 -11.06 2.47
N TYR A 128 -27.14 -11.39 1.42
CA TYR A 128 -28.39 -10.71 1.12
C TYR A 128 -29.51 -11.46 1.79
N ASN A 129 -30.40 -10.72 2.44
CA ASN A 129 -31.42 -11.30 3.29
C ASN A 129 -32.81 -10.95 2.79
N SER A 130 -33.65 -11.97 2.67
CA SER A 130 -34.99 -11.81 2.15
C SER A 130 -35.86 -12.86 2.83
N MET A 131 -37.14 -12.52 2.93
CA MET A 131 -38.07 -13.49 3.53
C MET A 131 -38.91 -14.06 2.38
N GLY A 132 -39.52 -15.20 2.62
CA GLY A 132 -40.41 -15.80 1.64
C GLY A 132 -39.67 -16.82 0.82
N THR A 133 -40.09 -16.98 -0.43
CA THR A 133 -39.40 -17.83 -1.35
C THR A 133 -38.99 -17.00 -2.55
N ILE A 134 -37.93 -17.45 -3.22
CA ILE A 134 -37.43 -16.72 -4.38
C ILE A 134 -38.48 -16.82 -5.48
N ASN A 135 -39.18 -15.73 -5.73
CA ASN A 135 -40.24 -15.63 -6.70
C ASN A 135 -40.07 -14.31 -7.45
N GLN A 136 -41.09 -13.89 -8.20
CA GLN A 136 -40.97 -12.68 -9.00
C GLN A 136 -40.76 -11.45 -8.14
N GLN A 137 -41.33 -11.45 -6.93
CA GLN A 137 -41.26 -10.30 -6.06
C GLN A 137 -39.91 -10.21 -5.38
N ALA A 138 -39.36 -11.35 -4.94
CA ALA A 138 -38.02 -11.33 -4.37
C ALA A 138 -37.00 -10.78 -5.36
N MET A 139 -37.16 -11.14 -6.65
CA MET A 139 -36.22 -10.74 -7.69
C MET A 139 -36.37 -9.27 -8.05
N ASP A 140 -37.59 -8.74 -7.95
CA ASP A 140 -37.78 -7.33 -8.25
C ASP A 140 -37.06 -6.47 -7.22
N GLN A 141 -37.13 -6.87 -5.94
CA GLN A 141 -36.43 -6.14 -4.88
C GLN A 141 -34.93 -6.21 -5.03
N LEU A 142 -34.41 -7.07 -5.90
CA LEU A 142 -32.98 -7.12 -6.15
C LEU A 142 -32.55 -6.30 -7.36
N HIS A 143 -33.37 -5.35 -7.82
CA HIS A 143 -32.95 -4.45 -8.88
C HIS A 143 -31.66 -3.71 -8.53
N TYR A 144 -31.32 -3.64 -7.25
CA TYR A 144 -30.04 -3.10 -6.85
C TYR A 144 -28.90 -3.80 -7.59
N VAL A 145 -29.05 -5.09 -7.88
CA VAL A 145 -27.97 -5.79 -8.55
C VAL A 145 -27.99 -5.52 -10.05
N THR A 146 -29.15 -5.25 -10.64
CA THR A 146 -29.16 -4.87 -12.04
C THR A 146 -28.69 -3.44 -12.26
N GLU A 147 -28.36 -2.72 -11.19
CA GLU A 147 -27.94 -1.30 -11.34
C GLU A 147 -26.43 -1.18 -11.13
N LEU A 148 -25.70 -2.30 -10.99
CA LEU A 148 -24.29 -2.17 -10.60
C LEU A 148 -23.39 -1.75 -11.75
N THR A 149 -23.64 -2.20 -12.98
CA THR A 149 -22.87 -1.73 -14.12
C THR A 149 -22.97 -0.22 -14.30
N ASP A 150 -23.92 0.44 -13.62
CA ASP A 150 -24.05 1.89 -13.70
C ASP A 150 -23.58 2.59 -12.44
N ARG A 151 -23.13 1.85 -11.43
CA ARG A 151 -22.69 2.46 -10.18
C ARG A 151 -21.27 2.10 -9.80
N ILE A 152 -20.76 0.94 -10.21
CA ILE A 152 -19.40 0.53 -9.91
C ILE A 152 -18.64 0.42 -11.21
N LYS A 153 -17.62 1.26 -11.40
CA LYS A 153 -16.62 1.03 -12.45
C LYS A 153 -15.41 0.33 -11.85
N ALA A 154 -15.00 -0.77 -12.49
CA ALA A 154 -13.92 -1.57 -11.94
C ALA A 154 -12.56 -1.04 -12.31
N ASN A 155 -12.50 -0.32 -13.43
CA ASN A 155 -11.21 0.21 -13.96
C ASN A 155 -11.47 1.46 -14.79
N SER A 156 -10.53 2.43 -14.85
CA SER A 156 -10.68 3.56 -15.73
C SER A 156 -10.58 3.13 -17.20
N SER A 157 -11.02 4.02 -18.09
CA SER A 157 -11.30 3.69 -19.49
C SER A 157 -10.38 4.45 -20.44
N PRO A 158 -9.14 4.01 -20.60
CA PRO A 158 -8.36 4.47 -21.74
C PRO A 158 -8.54 3.50 -22.90
N GLY A 159 -7.81 2.39 -22.81
CA GLY A 159 -7.88 1.34 -23.79
C GLY A 159 -8.95 0.34 -23.41
N ASN A 160 -10.11 0.88 -23.02
CA ASN A 160 -11.18 0.08 -22.43
C ASN A 160 -12.54 0.31 -23.08
N ASN A 161 -12.59 1.04 -24.20
CA ASN A 161 -13.86 1.26 -24.90
C ASN A 161 -14.39 -0.05 -25.49
N SER A 162 -13.50 -0.91 -25.95
CA SER A 162 -13.92 -2.16 -26.58
C SER A 162 -14.18 -3.25 -25.58
N VAL A 163 -14.02 -2.92 -24.28
CA VAL A 163 -14.12 -3.85 -23.17
C VAL A 163 -15.38 -3.54 -22.39
N ASP A 164 -15.93 -4.59 -21.76
CA ASP A 164 -17.05 -4.48 -20.83
C ASP A 164 -16.52 -4.44 -19.39
N ASP A 165 -16.74 -3.33 -18.69
CA ASP A 165 -16.16 -3.17 -17.36
C ASP A 165 -16.71 -4.18 -16.36
N SER A 166 -18.03 -4.41 -16.39
CA SER A 166 -18.68 -5.40 -15.52
C SER A 166 -18.12 -6.79 -15.69
N ALA A 167 -17.58 -7.11 -16.87
CA ALA A 167 -16.95 -8.40 -17.08
C ALA A 167 -15.84 -8.65 -16.09
N ASP A 168 -15.43 -7.58 -15.39
CA ASP A 168 -14.27 -7.63 -14.46
C ASP A 168 -14.73 -7.75 -13.01
N PHE A 169 -16.02 -7.67 -12.74
CA PHE A 169 -16.53 -7.69 -11.36
C PHE A 169 -16.15 -8.99 -10.64
N VAL A 170 -16.20 -10.11 -11.37
CA VAL A 170 -15.93 -11.41 -10.76
C VAL A 170 -14.64 -11.39 -9.98
N SER A 171 -13.65 -10.63 -10.46
CA SER A 171 -12.33 -10.76 -9.79
C SER A 171 -12.24 -10.04 -8.44
N PHE A 172 -13.16 -9.11 -8.12
CA PHE A 172 -13.05 -8.54 -6.79
C PHE A 172 -14.34 -8.50 -5.99
N PHE A 173 -15.44 -9.07 -6.47
CA PHE A 173 -16.67 -9.06 -5.69
C PHE A 173 -16.63 -10.14 -4.60
N PRO A 174 -17.42 -9.95 -3.55
CA PRO A 174 -17.49 -10.95 -2.50
C PRO A 174 -18.36 -12.14 -2.92
N ALA A 175 -18.18 -13.25 -2.19
CA ALA A 175 -19.09 -14.39 -2.31
C ALA A 175 -20.50 -13.95 -1.97
N PHE A 176 -21.47 -14.60 -2.61
CA PHE A 176 -22.87 -14.20 -2.50
C PHE A 176 -23.64 -15.30 -1.78
N VAL A 177 -24.33 -14.93 -0.71
CA VAL A 177 -25.04 -15.88 0.15
C VAL A 177 -26.46 -15.36 0.35
N TRP A 178 -27.45 -16.12 -0.09
CA TRP A 178 -28.85 -15.75 0.04
C TRP A 178 -29.48 -16.48 1.23
N THR A 179 -29.71 -15.72 2.31
CA THR A 179 -30.50 -16.16 3.47
C THR A 179 -31.98 -15.93 3.18
N LEU A 180 -32.74 -17.02 3.13
CA LEU A 180 -34.21 -16.87 2.98
C LEU A 180 -34.80 -17.19 4.35
N ARG A 181 -35.52 -16.24 4.92
CA ARG A 181 -36.01 -16.46 6.30
C ARG A 181 -37.49 -16.79 6.27
N ASP A 182 -37.98 -17.46 7.32
CA ASP A 182 -39.42 -17.79 7.44
C ASP A 182 -39.76 -18.63 6.20
N PHE A 183 -38.98 -19.67 5.98
CA PHE A 183 -39.12 -20.50 4.77
C PHE A 183 -39.80 -21.80 5.17
N THR A 184 -41.01 -22.01 4.67
CA THR A 184 -41.76 -23.24 5.00
C THR A 184 -42.04 -24.00 3.71
N LEU A 185 -40.99 -24.43 3.02
CA LEU A 185 -41.18 -25.12 1.75
C LEU A 185 -40.50 -26.48 1.83
N GLU A 186 -41.27 -27.53 1.63
CA GLU A 186 -40.69 -28.86 1.47
C GLU A 186 -39.76 -28.86 0.25
N LEU A 187 -38.48 -29.17 0.46
CA LEU A 187 -37.47 -29.11 -0.61
C LEU A 187 -37.47 -30.43 -1.39
N GLU A 188 -38.46 -30.55 -2.27
CA GLU A 188 -38.72 -31.78 -3.01
C GLU A 188 -38.79 -31.44 -4.50
N VAL A 189 -38.13 -32.26 -5.31
CA VAL A 189 -38.07 -32.05 -6.75
C VAL A 189 -39.18 -32.86 -7.42
N ASP A 190 -39.00 -34.17 -7.53
CA ASP A 190 -39.98 -35.08 -8.11
C ASP A 190 -40.22 -36.25 -7.16
N GLY A 191 -40.37 -35.95 -5.88
CA GLY A 191 -40.38 -36.96 -4.85
C GLY A 191 -39.02 -37.32 -4.30
N GLU A 192 -38.00 -36.52 -4.57
CA GLU A 192 -36.64 -36.70 -4.06
C GLU A 192 -36.17 -35.40 -3.41
N PRO A 193 -35.32 -35.48 -2.40
CA PRO A 193 -34.91 -34.27 -1.67
C PRO A 193 -33.76 -33.52 -2.34
N ILE A 194 -33.66 -32.23 -1.97
CA ILE A 194 -32.64 -31.32 -2.47
C ILE A 194 -32.17 -30.41 -1.33
N THR A 195 -31.01 -29.77 -1.55
CA THR A 195 -30.37 -28.93 -0.53
C THR A 195 -30.85 -27.47 -0.66
N ALA A 196 -30.29 -26.59 0.14
CA ALA A 196 -30.65 -25.18 -0.04
C ALA A 196 -29.94 -24.60 -1.25
N ASP A 197 -28.65 -24.89 -1.42
CA ASP A 197 -27.95 -24.54 -2.65
C ASP A 197 -28.67 -25.06 -3.89
N ASP A 198 -29.19 -26.29 -3.83
CA ASP A 198 -29.93 -26.82 -4.97
C ASP A 198 -31.15 -25.95 -5.27
N TYR A 199 -31.83 -25.48 -4.22
CA TYR A 199 -32.96 -24.56 -4.43
C TYR A 199 -32.50 -23.29 -5.13
N LEU A 200 -31.38 -22.72 -4.69
CA LEU A 200 -30.86 -21.52 -5.35
C LEU A 200 -30.60 -21.79 -6.83
N GLU A 201 -29.78 -22.80 -7.14
CA GLU A 201 -29.48 -23.06 -8.55
C GLU A 201 -30.74 -23.28 -9.36
N LEU A 202 -31.76 -23.91 -8.77
CA LEU A 202 -33.01 -24.07 -9.51
C LEU A 202 -33.68 -22.72 -9.75
N SER A 203 -33.65 -21.82 -8.77
CA SER A 203 -34.29 -20.54 -9.01
C SER A 203 -33.43 -19.62 -9.86
N LEU A 204 -32.22 -20.03 -10.20
CA LEU A 204 -31.37 -19.22 -11.05
C LEU A 204 -31.26 -19.79 -12.47
N LYS A 205 -32.39 -19.98 -13.14
CA LYS A 205 -32.43 -20.46 -14.52
C LYS A 205 -33.26 -19.48 -15.33
N LEU A 206 -33.30 -19.64 -16.65
CA LEU A 206 -33.70 -18.54 -17.51
C LEU A 206 -34.93 -18.86 -18.36
N ARG A 207 -35.60 -17.79 -18.74
CA ARG A 207 -36.78 -17.92 -19.60
C ARG A 207 -36.32 -17.68 -21.03
N LYS A 208 -36.55 -18.63 -21.93
CA LYS A 208 -36.19 -18.38 -23.31
C LYS A 208 -37.09 -17.31 -23.90
N GLY A 209 -36.62 -16.66 -24.95
CA GLY A 209 -37.33 -15.55 -25.56
C GLY A 209 -36.47 -14.29 -25.59
N THR A 210 -37.03 -13.21 -26.10
CA THR A 210 -36.28 -11.94 -26.07
C THR A 210 -37.26 -10.81 -25.81
N ASP A 211 -38.47 -11.16 -25.38
CA ASP A 211 -39.50 -10.14 -25.11
C ASP A 211 -39.09 -9.30 -23.92
N LYS A 212 -39.69 -8.12 -23.77
CA LYS A 212 -39.42 -7.34 -22.55
C LYS A 212 -39.72 -8.24 -21.37
N LYS A 213 -40.85 -8.93 -21.38
CA LYS A 213 -41.18 -9.73 -20.20
C LYS A 213 -40.08 -10.73 -19.82
N SER A 214 -39.14 -11.03 -20.71
CA SER A 214 -38.18 -12.12 -20.54
C SER A 214 -36.76 -11.65 -20.28
N LYS A 215 -36.34 -10.53 -20.91
CA LYS A 215 -35.09 -9.92 -20.48
C LYS A 215 -35.20 -9.46 -19.03
N SER A 216 -36.39 -9.01 -18.63
CA SER A 216 -36.63 -8.65 -17.24
C SER A 216 -36.45 -9.85 -16.32
N PHE A 217 -37.07 -10.99 -16.67
CA PHE A 217 -36.91 -12.19 -15.84
C PHE A 217 -35.46 -12.58 -15.69
N ASN A 218 -34.63 -12.39 -16.74
CA ASN A 218 -33.29 -12.96 -16.76
C ASN A 218 -32.21 -12.01 -16.22
N ASP A 219 -32.40 -10.69 -16.41
CA ASP A 219 -31.39 -9.67 -16.00
C ASP A 219 -30.85 -9.91 -14.57
N PRO A 220 -31.65 -9.97 -13.47
CA PRO A 220 -31.06 -10.14 -12.12
C PRO A 220 -30.25 -11.41 -11.97
N ARG A 221 -30.71 -12.48 -12.59
CA ARG A 221 -30.11 -13.77 -12.32
C ARG A 221 -28.91 -14.05 -13.22
N LEU A 222 -28.84 -13.44 -14.43
CA LEU A 222 -27.56 -13.35 -15.13
C LEU A 222 -26.56 -12.56 -14.33
N CYS A 223 -27.03 -11.48 -13.69
CA CYS A 223 -26.15 -10.66 -12.86
C CYS A 223 -25.56 -11.47 -11.72
N ILE A 224 -26.38 -12.27 -11.04
CA ILE A 224 -25.88 -13.05 -9.91
C ILE A 224 -24.94 -14.17 -10.37
N ARG A 225 -25.22 -14.80 -11.51
CA ARG A 225 -24.30 -15.87 -11.89
C ARG A 225 -23.02 -15.36 -12.55
N LYS A 226 -23.03 -14.14 -13.08
CA LYS A 226 -21.87 -13.55 -13.74
C LYS A 226 -21.02 -12.65 -12.87
N PHE A 227 -21.56 -12.01 -11.82
CA PHE A 227 -20.76 -11.07 -11.03
C PHE A 227 -20.13 -11.68 -9.78
N PHE A 228 -20.71 -12.73 -9.18
CA PHE A 228 -20.13 -13.15 -7.90
C PHE A 228 -19.36 -14.46 -8.07
N PRO A 229 -18.29 -14.65 -7.30
CA PRO A 229 -17.46 -15.86 -7.48
C PRO A 229 -18.05 -17.14 -6.88
N LYS A 230 -18.61 -17.08 -5.66
CA LYS A 230 -19.30 -18.20 -5.02
C LYS A 230 -20.75 -17.85 -4.80
N ARG A 231 -21.57 -18.89 -4.64
CA ARG A 231 -23.01 -18.80 -4.37
C ARG A 231 -23.38 -19.84 -3.33
N LYS A 232 -23.92 -19.38 -2.20
CA LYS A 232 -24.52 -20.27 -1.22
C LYS A 232 -25.93 -19.79 -0.88
N CYS A 233 -26.79 -20.74 -0.51
CA CYS A 233 -28.11 -20.43 0.00
C CYS A 233 -28.34 -21.13 1.32
N PHE A 234 -28.94 -20.41 2.27
CA PHE A 234 -29.31 -20.96 3.57
C PHE A 234 -30.77 -20.66 3.84
N VAL A 235 -31.52 -21.70 4.24
CA VAL A 235 -32.98 -21.55 4.51
C VAL A 235 -33.20 -21.41 6.02
N PHE A 236 -34.32 -20.81 6.43
CA PHE A 236 -34.63 -20.61 7.85
C PHE A 236 -36.13 -20.76 8.08
N ASP A 237 -36.49 -21.71 8.96
CA ASP A 237 -37.92 -21.93 9.37
C ASP A 237 -38.25 -20.91 10.47
N TRP A 238 -39.50 -20.47 10.65
CA TRP A 238 -39.83 -19.41 11.59
C TRP A 238 -39.26 -19.73 12.96
N PRO A 239 -38.83 -18.72 13.72
CA PRO A 239 -38.15 -18.99 14.99
C PRO A 239 -39.08 -19.50 16.09
N ALA A 240 -40.40 -19.39 15.95
CA ALA A 240 -41.32 -19.90 16.94
C ALA A 240 -42.69 -20.08 16.29
N PRO A 241 -43.63 -20.73 16.97
CA PRO A 241 -45.02 -20.64 16.50
C PRO A 241 -45.52 -19.21 16.61
N LYS A 242 -46.72 -19.00 16.08
CA LYS A 242 -47.22 -17.65 15.84
C LYS A 242 -47.40 -16.87 17.15
N LYS A 243 -47.96 -17.51 18.19
CA LYS A 243 -48.23 -16.86 19.48
C LYS A 243 -46.98 -16.23 20.13
N TYR A 244 -45.78 -16.59 19.68
CA TYR A 244 -44.55 -16.06 20.25
C TYR A 244 -43.87 -15.04 19.34
N LEU A 245 -44.36 -14.85 18.12
CA LEU A 245 -43.66 -14.02 17.15
C LEU A 245 -43.53 -12.56 17.56
N ALA A 246 -44.39 -12.03 18.42
CA ALA A 246 -44.13 -10.68 18.89
C ALA A 246 -43.38 -10.66 20.22
N HIS A 247 -42.80 -11.79 20.64
CA HIS A 247 -42.20 -11.87 21.97
C HIS A 247 -40.97 -12.76 21.96
N LEU A 248 -40.17 -12.65 20.93
CA LEU A 248 -39.00 -13.54 20.78
C LEU A 248 -37.97 -13.24 21.86
N GLU A 249 -37.86 -11.98 22.24
CA GLU A 249 -36.82 -11.59 23.22
C GLU A 249 -37.06 -12.32 24.53
N GLN A 250 -38.32 -12.54 24.90
CA GLN A 250 -38.62 -13.13 26.23
C GLN A 250 -38.46 -14.65 26.17
N LEU A 251 -38.01 -15.18 25.06
CA LEU A 251 -37.93 -16.66 24.92
C LEU A 251 -36.50 -17.15 25.16
N LYS A 252 -36.34 -18.35 25.71
CA LYS A 252 -35.04 -18.99 25.87
C LYS A 252 -34.88 -20.05 24.78
N GLU A 253 -33.62 -20.41 24.51
CA GLU A 253 -33.29 -21.23 23.35
C GLU A 253 -34.11 -22.53 23.32
N GLU A 254 -34.51 -23.03 24.49
CA GLU A 254 -35.25 -24.29 24.57
C GLU A 254 -36.62 -24.24 23.91
N GLU A 255 -37.12 -23.05 23.58
CA GLU A 255 -38.48 -22.88 23.09
C GLU A 255 -38.54 -22.44 21.64
N LEU A 256 -37.39 -22.16 21.02
CA LEU A 256 -37.33 -21.85 19.60
C LEU A 256 -37.52 -23.13 18.81
N ASN A 257 -38.10 -23.02 17.60
CA ASN A 257 -38.24 -24.19 16.75
C ASN A 257 -36.87 -24.82 16.53
N PRO A 258 -36.68 -26.13 16.84
CA PRO A 258 -35.36 -26.74 16.76
C PRO A 258 -34.83 -26.60 15.34
N ASP A 259 -35.75 -26.36 14.41
CA ASP A 259 -35.32 -26.14 13.01
C ASP A 259 -34.51 -24.86 13.00
N PHE A 260 -35.14 -23.74 13.31
CA PHE A 260 -34.44 -22.43 13.27
C PHE A 260 -33.12 -22.62 13.96
N ILE A 261 -33.16 -23.13 15.18
CA ILE A 261 -31.92 -23.21 15.94
C ILE A 261 -30.81 -23.83 15.10
N GLU A 262 -31.17 -24.96 14.46
CA GLU A 262 -30.19 -25.74 13.67
C GLU A 262 -29.75 -24.96 12.45
N GLN A 263 -30.71 -24.54 11.62
CA GLN A 263 -30.36 -23.72 10.48
C GLN A 263 -29.43 -22.58 10.87
N VAL A 264 -29.66 -21.97 12.04
CA VAL A 264 -28.80 -20.87 12.49
C VAL A 264 -27.40 -21.37 12.81
N ALA A 265 -27.30 -22.55 13.44
CA ALA A 265 -25.98 -23.10 13.69
C ALA A 265 -25.22 -23.39 12.38
N GLU A 266 -25.88 -24.04 11.41
CA GLU A 266 -25.23 -24.30 10.12
C GLU A 266 -24.71 -23.00 9.51
N PHE A 267 -25.57 -21.99 9.44
CA PHE A 267 -25.20 -20.74 8.78
C PHE A 267 -24.03 -20.06 9.49
N CYS A 268 -24.04 -20.05 10.83
CA CYS A 268 -22.95 -19.39 11.54
C CYS A 268 -21.63 -20.13 11.40
N SER A 269 -21.67 -21.47 11.53
CA SER A 269 -20.44 -22.25 11.39
C SER A 269 -19.83 -22.03 10.01
N TYR A 270 -20.68 -22.04 8.97
CA TYR A 270 -20.18 -21.80 7.62
C TYR A 270 -19.55 -20.43 7.50
N ILE A 271 -20.31 -19.37 7.81
CA ILE A 271 -19.79 -18.02 7.63
C ILE A 271 -18.50 -17.84 8.39
N LEU A 272 -18.38 -18.46 9.56
CA LEU A 272 -17.16 -18.26 10.33
C LEU A 272 -15.98 -19.01 9.73
N SER A 273 -16.18 -20.22 9.23
CA SER A 273 -14.97 -20.96 8.79
C SER A 273 -14.57 -20.66 7.34
N HIS A 274 -15.52 -20.33 6.46
CA HIS A 274 -15.17 -20.19 5.06
C HIS A 274 -15.03 -18.75 4.60
N SER A 275 -15.31 -17.77 5.46
CA SER A 275 -15.11 -16.40 5.02
C SER A 275 -13.63 -16.09 4.95
N ASN A 276 -13.25 -15.21 4.03
CA ASN A 276 -11.85 -14.95 3.77
C ASN A 276 -11.54 -13.49 4.03
N VAL A 277 -10.30 -13.27 4.50
CA VAL A 277 -9.71 -11.93 4.62
C VAL A 277 -9.96 -11.17 3.34
N LYS A 278 -10.61 -10.01 3.43
CA LYS A 278 -10.78 -9.22 2.22
C LYS A 278 -9.41 -8.90 1.63
N THR A 279 -9.21 -9.27 0.36
CA THR A 279 -7.93 -9.03 -0.31
C THR A 279 -8.14 -8.14 -1.51
N LEU A 280 -7.05 -7.48 -1.88
CA LEU A 280 -7.10 -6.54 -3.02
C LEU A 280 -6.24 -7.11 -4.15
N SER A 281 -6.52 -6.67 -5.39
CA SER A 281 -5.79 -7.16 -6.58
C SER A 281 -4.31 -7.21 -6.29
N GLY A 282 -3.74 -8.40 -6.30
CA GLY A 282 -2.32 -8.51 -6.00
C GLY A 282 -2.14 -9.17 -4.66
N GLY A 283 -3.19 -9.78 -4.13
CA GLY A 283 -2.96 -10.48 -2.87
C GLY A 283 -2.55 -9.60 -1.70
N ILE A 284 -3.24 -8.50 -1.50
CA ILE A 284 -2.88 -7.48 -0.48
C ILE A 284 -3.84 -7.64 0.64
N PRO A 285 -3.46 -8.18 1.83
CA PRO A 285 -4.40 -8.34 2.93
C PRO A 285 -4.84 -6.99 3.48
N VAL A 286 -6.15 -6.86 3.64
CA VAL A 286 -6.71 -5.53 4.03
C VAL A 286 -7.00 -5.48 5.53
N ASN A 287 -6.63 -4.34 6.14
CA ASN A 287 -6.80 -4.12 7.58
C ASN A 287 -7.50 -2.79 7.75
N GLY A 288 -7.64 -2.35 9.00
CA GLY A 288 -8.33 -1.08 9.30
C GLY A 288 -7.82 0.08 8.48
N PRO A 289 -6.59 0.59 8.69
CA PRO A 289 -6.11 1.78 7.98
C PRO A 289 -6.39 1.76 6.46
N ARG A 290 -6.52 0.58 5.85
CA ARG A 290 -6.75 0.44 4.41
C ARG A 290 -8.24 0.63 4.14
N LEU A 291 -9.08 -0.30 4.59
CA LEU A 291 -10.52 -0.17 4.45
C LEU A 291 -10.99 1.23 4.80
N GLU A 292 -10.30 1.90 5.72
CA GLU A 292 -10.67 3.25 6.09
C GLU A 292 -10.61 4.17 4.87
N SER A 293 -9.51 4.11 4.12
CA SER A 293 -9.47 4.97 2.94
C SER A 293 -10.35 4.44 1.82
N LEU A 294 -10.57 3.12 1.77
CA LEU A 294 -11.54 2.56 0.82
C LEU A 294 -12.90 3.22 1.00
N VAL A 295 -13.39 3.19 2.24
CA VAL A 295 -14.64 3.86 2.58
C VAL A 295 -14.57 5.33 2.16
N LEU A 296 -13.50 6.04 2.57
CA LEU A 296 -13.41 7.47 2.24
C LEU A 296 -13.53 7.71 0.74
N THR A 297 -12.66 7.05 -0.03
CA THR A 297 -12.57 7.24 -1.48
C THR A 297 -13.93 7.00 -2.13
N TYR A 298 -14.54 5.84 -1.85
CA TYR A 298 -15.79 5.45 -2.50
C TYR A 298 -16.92 6.43 -2.16
N VAL A 299 -17.12 6.70 -0.87
CA VAL A 299 -18.25 7.53 -0.49
C VAL A 299 -18.03 8.97 -0.95
N ASN A 300 -16.77 9.45 -0.92
CA ASN A 300 -16.45 10.80 -1.37
C ASN A 300 -16.65 10.95 -2.87
N ALA A 301 -16.37 9.88 -3.64
CA ALA A 301 -16.75 9.83 -5.05
C ALA A 301 -18.26 9.96 -5.21
N ILE A 302 -19.04 9.25 -4.37
CA ILE A 302 -20.49 9.29 -4.54
C ILE A 302 -21.04 10.69 -4.27
N SER A 303 -20.49 11.38 -3.27
CA SER A 303 -21.07 12.68 -2.94
C SER A 303 -20.55 13.81 -3.82
N SER A 304 -19.55 13.54 -4.64
CA SER A 304 -19.01 14.56 -5.55
C SER A 304 -19.63 14.49 -6.94
N GLY A 305 -20.61 13.60 -7.15
CA GLY A 305 -21.26 13.41 -8.44
C GLY A 305 -20.62 12.40 -9.37
N ASP A 306 -19.73 11.56 -8.87
CA ASP A 306 -18.92 10.64 -9.65
C ASP A 306 -19.29 9.20 -9.28
N LEU A 307 -18.60 8.23 -9.89
CA LEU A 307 -18.89 6.83 -9.60
C LEU A 307 -17.72 6.19 -8.86
N PRO A 308 -17.99 5.47 -7.76
CA PRO A 308 -16.94 4.64 -7.17
C PRO A 308 -16.31 3.70 -8.20
N CYS A 309 -15.01 3.47 -8.02
CA CYS A 309 -14.13 2.86 -9.02
C CYS A 309 -13.03 2.08 -8.31
N ARG A 310 -13.09 0.78 -8.29
CA ARG A 310 -12.11 -0.02 -7.52
C ARG A 310 -10.69 0.48 -7.77
N GLU A 311 -10.39 0.97 -8.97
CA GLU A 311 -9.02 1.23 -9.35
C GLU A 311 -8.51 2.55 -8.75
N ASN A 312 -9.26 3.66 -8.93
CA ASN A 312 -8.87 4.89 -8.26
C ASN A 312 -8.68 4.65 -6.78
N ALA A 313 -9.56 3.87 -6.17
CA ALA A 313 -9.49 3.69 -4.74
C ALA A 313 -8.23 2.93 -4.35
N VAL A 314 -7.94 1.83 -5.05
CA VAL A 314 -6.79 1.04 -4.65
C VAL A 314 -5.49 1.74 -5.01
N LEU A 315 -5.49 2.53 -6.09
CA LEU A 315 -4.30 3.34 -6.41
C LEU A 315 -4.04 4.38 -5.33
N ALA A 316 -5.07 5.10 -4.88
CA ALA A 316 -4.87 6.04 -3.78
C ALA A 316 -4.31 5.33 -2.56
N LEU A 317 -4.91 4.19 -2.20
CA LEU A 317 -4.35 3.40 -1.11
C LEU A 317 -2.88 3.09 -1.35
N ALA A 318 -2.55 2.68 -2.57
CA ALA A 318 -1.17 2.29 -2.86
C ALA A 318 -0.22 3.45 -2.61
N GLN A 319 -0.56 4.63 -3.14
CA GLN A 319 0.30 5.79 -2.97
C GLN A 319 0.53 6.12 -1.50
N ILE A 320 -0.53 6.03 -0.68
CA ILE A 320 -0.38 6.24 0.79
C ILE A 320 0.62 5.22 1.34
N GLU A 321 0.41 3.92 1.09
CA GLU A 321 1.28 2.90 1.69
C GLU A 321 2.72 3.06 1.21
N ASN A 322 2.88 3.44 -0.07
CA ASN A 322 4.18 3.55 -0.69
C ASN A 322 5.01 4.68 -0.08
N SER A 323 4.37 5.86 0.07
CA SER A 323 5.06 7.00 0.75
C SER A 323 5.49 6.54 2.14
N ALA A 324 4.64 5.81 2.86
CA ALA A 324 5.04 5.25 4.15
C ALA A 324 6.34 4.45 4.00
N ALA A 325 6.44 3.65 2.94
CA ALA A 325 7.65 2.84 2.75
C ALA A 325 8.88 3.72 2.49
N VAL A 326 8.71 4.80 1.71
CA VAL A 326 9.83 5.72 1.50
C VAL A 326 10.38 6.19 2.84
N GLU A 327 9.50 6.67 3.72
CA GLU A 327 9.94 7.14 5.04
C GLU A 327 10.58 6.01 5.87
N LYS A 328 9.97 4.82 5.90
CA LYS A 328 10.58 3.69 6.61
C LYS A 328 12.01 3.41 6.14
N ALA A 329 12.19 3.44 4.82
CA ALA A 329 13.48 3.09 4.22
C ALA A 329 14.55 4.13 4.52
N ILE A 330 14.21 5.42 4.31
CA ILE A 330 15.18 6.46 4.59
C ILE A 330 15.54 6.47 6.08
N ALA A 331 14.61 6.03 6.94
CA ALA A 331 14.88 5.94 8.37
C ALA A 331 15.82 4.78 8.71
N HIS A 332 15.63 3.62 8.07
CA HIS A 332 16.61 2.55 8.20
C HIS A 332 17.99 3.03 7.79
N TYR A 333 18.05 3.62 6.59
CA TYR A 333 19.27 4.19 6.06
C TYR A 333 19.95 5.08 7.10
N GLU A 334 19.21 6.02 7.65
CA GLU A 334 19.87 7.03 8.47
C GLU A 334 20.37 6.45 9.77
N GLN A 335 19.66 5.47 10.35
CA GLN A 335 20.23 4.83 11.54
C GLN A 335 21.54 4.16 11.17
N GLN A 336 21.61 3.56 9.98
CA GLN A 336 22.78 2.73 9.72
C GLN A 336 23.99 3.56 9.27
N MET A 337 23.74 4.66 8.58
CA MET A 337 24.76 5.67 8.31
C MET A 337 25.28 6.17 9.64
N GLY A 338 24.43 6.84 10.45
CA GLY A 338 24.84 7.33 11.75
C GLY A 338 25.62 6.32 12.57
N GLN A 339 25.43 5.04 12.31
CA GLN A 339 26.07 4.05 13.22
C GLN A 339 27.36 3.46 12.65
N LYS A 340 27.82 3.85 11.44
CA LYS A 340 29.11 3.27 11.02
C LYS A 340 29.94 4.20 10.13
N VAL A 341 29.96 5.51 10.41
CA VAL A 341 30.80 6.44 9.63
C VAL A 341 31.79 7.18 10.52
N GLN A 342 33.02 7.25 10.01
CA GLN A 342 34.11 7.99 10.69
C GLN A 342 33.93 9.44 10.30
N LEU A 343 33.73 10.32 11.26
CA LEU A 343 33.45 11.73 10.90
C LEU A 343 34.50 12.22 9.88
N PRO A 344 35.85 12.18 10.07
CA PRO A 344 36.79 12.54 9.01
C PRO A 344 37.20 11.25 8.28
N THR A 345 36.65 11.02 7.09
CA THR A 345 36.88 9.76 6.35
C THR A 345 38.28 9.72 5.75
N GLU A 346 38.96 8.57 5.88
CA GLU A 346 40.34 8.43 5.40
C GLU A 346 40.41 8.54 3.88
N THR A 347 39.58 7.80 3.16
CA THR A 347 39.50 7.86 1.72
C THR A 347 38.08 8.20 1.28
N LEU A 348 37.93 8.77 0.08
CA LEU A 348 36.58 8.96 -0.45
C LEU A 348 35.88 7.64 -0.74
N GLN A 349 36.65 6.58 -0.99
CA GLN A 349 36.07 5.30 -1.37
C GLN A 349 35.37 4.63 -0.20
N GLU A 350 35.97 4.73 0.99
CA GLU A 350 35.38 4.16 2.20
C GLU A 350 33.96 4.66 2.41
N LEU A 351 33.76 5.94 2.19
CA LEU A 351 32.46 6.54 2.43
C LEU A 351 31.43 6.21 1.37
N LEU A 352 31.81 6.28 0.10
CA LEU A 352 30.85 5.87 -0.92
C LEU A 352 30.51 4.39 -0.79
N ASP A 353 31.45 3.57 -0.30
CA ASP A 353 31.15 2.16 -0.10
C ASP A 353 30.17 1.96 1.06
N LEU A 354 30.26 2.76 2.13
CA LEU A 354 29.27 2.63 3.20
C LEU A 354 27.89 3.09 2.74
N HIS A 355 27.81 4.31 2.19
CA HIS A 355 26.59 4.73 1.54
C HIS A 355 26.00 3.63 0.69
N ARG A 356 26.83 2.94 -0.09
CA ARG A 356 26.25 1.93 -0.96
C ARG A 356 25.68 0.76 -0.14
N ASP A 357 26.35 0.32 0.93
CA ASP A 357 25.79 -0.83 1.67
C ASP A 357 24.45 -0.45 2.29
N SER A 358 24.40 0.70 2.94
CA SER A 358 23.19 1.09 3.60
C SER A 358 22.08 1.45 2.62
N GLU A 359 22.46 1.83 1.40
CA GLU A 359 21.43 2.06 0.37
C GLU A 359 20.83 0.71 0.04
N ARG A 360 21.70 -0.27 -0.08
CA ARG A 360 21.23 -1.64 -0.41
C ARG A 360 20.13 -2.00 0.58
N GLU A 361 20.41 -1.94 1.88
CA GLU A 361 19.42 -2.37 2.88
C GLU A 361 18.19 -1.46 2.88
N ALA A 362 18.34 -0.16 2.61
CA ALA A 362 17.17 0.70 2.64
C ALA A 362 16.24 0.38 1.49
N ILE A 363 16.79 0.01 0.33
CA ILE A 363 15.92 -0.36 -0.78
C ILE A 363 15.21 -1.68 -0.49
N GLU A 364 15.84 -2.56 0.29
CA GLU A 364 15.12 -3.76 0.74
C GLU A 364 13.92 -3.40 1.62
N VAL A 365 14.15 -2.58 2.65
CA VAL A 365 13.04 -2.10 3.47
C VAL A 365 11.92 -1.53 2.59
N PHE A 366 12.28 -0.80 1.54
CA PHE A 366 11.26 -0.29 0.62
C PHE A 366 10.49 -1.42 -0.04
N MET A 367 11.22 -2.34 -0.71
CA MET A 367 10.59 -3.41 -1.47
C MET A 367 9.68 -4.28 -0.63
N LYS A 368 9.97 -4.41 0.67
CA LYS A 368 9.16 -5.24 1.57
C LYS A 368 7.86 -4.56 2.00
N ASN A 369 7.70 -3.26 1.79
CA ASN A 369 6.56 -2.53 2.34
C ASN A 369 5.82 -1.74 1.27
N SER A 370 5.92 -2.15 0.01
CA SER A 370 5.34 -1.36 -1.07
C SER A 370 4.66 -2.24 -2.12
N PHE A 371 3.73 -1.63 -2.84
CA PHE A 371 3.08 -2.34 -3.92
C PHE A 371 2.38 -1.35 -4.84
N LYS A 372 2.10 -1.82 -6.07
CA LYS A 372 1.51 -1.01 -7.15
C LYS A 372 2.12 0.38 -7.25
N ASP A 373 3.46 0.42 -7.33
CA ASP A 373 4.21 1.67 -7.47
C ASP A 373 4.41 1.92 -8.96
N VAL A 374 3.39 2.46 -9.59
CA VAL A 374 3.41 2.63 -11.03
C VAL A 374 4.30 3.80 -11.41
N ASP A 375 5.01 3.65 -12.53
CA ASP A 375 5.95 4.68 -13.03
C ASP A 375 7.17 4.70 -12.13
N GLN A 376 7.24 3.76 -11.17
CA GLN A 376 8.37 3.69 -10.22
C GLN A 376 8.53 5.04 -9.53
N MET A 377 7.46 5.81 -9.44
CA MET A 377 7.53 7.18 -8.89
C MET A 377 8.13 7.20 -7.49
N PHE A 378 7.80 6.22 -6.66
CA PHE A 378 8.26 6.27 -5.26
C PHE A 378 9.70 5.76 -5.17
N GLN A 379 10.09 4.79 -5.97
CA GLN A 379 11.51 4.38 -5.92
C GLN A 379 12.36 5.58 -6.29
N ARG A 380 11.89 6.41 -7.22
CA ARG A 380 12.68 7.56 -7.62
C ARG A 380 12.70 8.62 -6.53
N LYS A 381 11.61 8.77 -5.80
CA LYS A 381 11.64 9.61 -4.61
C LYS A 381 12.67 9.12 -3.60
N LEU A 382 12.70 7.80 -3.35
CA LEU A 382 13.69 7.25 -2.43
C LEU A 382 15.11 7.48 -2.95
N GLY A 383 15.31 7.33 -4.26
CA GLY A 383 16.64 7.54 -4.84
C GLY A 383 17.12 8.97 -4.66
N ALA A 384 16.24 9.94 -4.99
CA ALA A 384 16.56 11.35 -4.74
C ALA A 384 16.88 11.61 -3.27
N GLN A 385 16.10 11.03 -2.36
CA GLN A 385 16.32 11.29 -0.93
C GLN A 385 17.66 10.73 -0.47
N LEU A 386 18.05 9.57 -0.96
CA LEU A 386 19.32 9.00 -0.53
C LEU A 386 20.49 9.71 -1.21
N GLU A 387 20.30 10.14 -2.44
CA GLU A 387 21.34 10.92 -3.08
C GLU A 387 21.55 12.24 -2.37
N ALA A 388 20.48 12.85 -1.86
CA ALA A 388 20.65 14.09 -1.11
C ALA A 388 21.29 13.83 0.25
N ARG A 389 20.96 12.72 0.90
CA ARG A 389 21.66 12.41 2.15
C ARG A 389 23.14 12.12 1.90
N ARG A 390 23.48 11.52 0.75
CA ARG A 390 24.88 11.20 0.44
C ARG A 390 25.67 12.47 0.16
N ASP A 391 25.15 13.36 -0.70
CA ASP A 391 25.75 14.66 -0.89
C ASP A 391 25.95 15.36 0.45
N ASP A 392 24.95 15.36 1.32
CA ASP A 392 25.09 16.17 2.56
C ASP A 392 26.20 15.57 3.40
N PHE A 393 26.20 14.27 3.56
CA PHE A 393 27.30 13.65 4.26
C PHE A 393 28.64 14.03 3.65
N CYS A 394 28.73 14.11 2.32
CA CYS A 394 30.00 14.45 1.69
C CYS A 394 30.42 15.88 2.03
N LYS A 395 29.47 16.80 2.04
CA LYS A 395 29.74 18.15 2.52
C LYS A 395 30.31 18.11 3.94
N GLN A 396 29.68 17.37 4.83
CA GLN A 396 30.16 17.37 6.23
C GLN A 396 31.54 16.74 6.25
N ASN A 397 31.77 15.73 5.43
CA ASN A 397 33.06 15.04 5.50
C ASN A 397 34.19 15.92 5.03
N SER A 398 33.98 16.65 3.93
CA SER A 398 35.04 17.54 3.47
C SER A 398 35.28 18.63 4.51
N LYS A 399 34.22 19.12 5.14
CA LYS A 399 34.45 20.15 6.15
C LYS A 399 35.19 19.57 7.36
N ALA A 400 34.86 18.34 7.75
CA ALA A 400 35.60 17.65 8.82
C ALA A 400 37.09 17.58 8.51
N SER A 401 37.46 17.07 7.33
CA SER A 401 38.89 16.91 7.05
C SER A 401 39.58 18.26 6.89
N SER A 402 38.90 19.23 6.28
CA SER A 402 39.48 20.55 6.11
C SER A 402 39.76 21.22 7.45
N ASP A 403 38.89 21.02 8.43
CA ASP A 403 39.16 21.59 9.75
C ASP A 403 40.26 20.82 10.49
N CYS A 404 40.30 19.49 10.36
CA CYS A 404 41.38 18.73 10.97
C CYS A 404 42.74 19.20 10.47
N CYS A 405 42.89 19.34 9.15
CA CYS A 405 44.17 19.80 8.59
C CYS A 405 44.44 21.25 8.90
N MET A 406 43.43 22.11 8.72
CA MET A 406 43.65 23.54 8.95
C MET A 406 44.08 23.81 10.40
N ALA A 407 43.59 23.03 11.36
CA ALA A 407 44.07 23.26 12.74
C ALA A 407 45.55 22.85 12.82
N LEU A 408 45.85 21.60 12.48
CA LEU A 408 47.24 21.06 12.58
C LEU A 408 48.21 21.99 11.84
N LEU A 409 47.67 22.89 11.01
CA LEU A 409 48.56 23.74 10.22
C LEU A 409 49.15 24.85 11.08
N GLN A 410 48.44 25.32 12.12
CA GLN A 410 49.07 26.20 13.10
C GLN A 410 50.07 25.46 13.93
N ASP A 411 49.71 24.24 14.27
CA ASP A 411 50.58 23.41 15.10
C ASP A 411 51.93 23.16 14.42
N ILE A 412 51.97 22.77 13.13
CA ILE A 412 53.30 22.47 12.60
C ILE A 412 53.98 23.72 12.06
N PHE A 413 53.26 24.48 11.25
CA PHE A 413 53.79 25.61 10.48
C PHE A 413 53.81 26.93 11.25
N GLY A 414 53.11 27.01 12.39
CA GLY A 414 53.12 28.18 13.25
C GLY A 414 54.48 28.73 13.64
N PRO A 415 55.32 27.90 14.31
CA PRO A 415 56.69 28.31 14.61
C PRO A 415 57.38 29.03 13.45
N LEU A 416 57.26 28.46 12.25
CA LEU A 416 57.97 28.99 11.08
C LEU A 416 57.53 30.42 10.75
N GLU A 417 56.22 30.70 10.83
CA GLU A 417 55.80 32.09 10.64
C GLU A 417 56.46 32.99 11.67
N GLU A 418 56.47 32.54 12.93
CA GLU A 418 57.18 33.26 13.98
C GLU A 418 58.62 33.54 13.56
N ASP A 419 59.31 32.56 12.99
CA ASP A 419 60.70 32.76 12.66
C ASP A 419 60.89 33.91 11.67
N VAL A 420 59.92 34.10 10.77
CA VAL A 420 60.01 35.10 9.72
C VAL A 420 59.80 36.49 10.28
N LYS A 421 59.27 36.57 11.50
CA LYS A 421 59.17 37.89 12.10
C LYS A 421 60.36 38.17 13.02
N GLN A 422 60.79 37.17 13.80
CA GLN A 422 62.01 37.24 14.59
C GLN A 422 63.24 37.35 13.71
N GLY A 423 63.15 36.96 12.43
CA GLY A 423 64.19 37.21 11.45
C GLY A 423 65.18 36.09 11.21
N THR A 424 64.90 34.88 11.70
CA THR A 424 65.83 33.75 11.61
C THR A 424 66.45 33.61 10.23
N PHE A 425 65.73 34.02 9.18
CA PHE A 425 66.11 33.73 7.80
C PHE A 425 66.64 34.94 7.03
N SER A 426 67.06 36.00 7.71
CA SER A 426 67.52 37.22 7.05
C SER A 426 69.03 37.27 6.89
N LYS A 427 69.71 36.18 7.19
CA LYS A 427 71.17 36.21 7.07
C LYS A 427 71.59 35.56 5.77
N PRO A 428 72.82 35.81 5.30
CA PRO A 428 73.41 34.94 4.28
C PRO A 428 73.16 33.49 4.59
N GLY A 429 72.75 32.72 3.56
CA GLY A 429 72.36 31.37 3.75
C GLY A 429 70.93 31.17 4.21
N GLY A 430 70.08 32.19 4.14
CA GLY A 430 68.73 32.06 4.65
C GLY A 430 67.80 31.30 3.73
N TYR A 431 68.07 31.32 2.43
CA TYR A 431 67.24 30.53 1.52
C TYR A 431 67.33 29.06 1.87
N ARG A 432 68.55 28.55 2.07
CA ARG A 432 68.70 27.13 2.33
C ARG A 432 68.14 26.75 3.69
N LEU A 433 68.11 27.71 4.62
CA LEU A 433 67.56 27.45 5.98
C LEU A 433 66.05 27.30 5.90
N PHE A 434 65.41 28.20 5.14
CA PHE A 434 63.93 28.17 5.03
C PHE A 434 63.50 26.92 4.25
N THR A 435 63.92 26.77 2.99
CA THR A 435 63.42 25.64 2.20
C THR A 435 63.59 24.31 2.93
N GLN A 436 64.75 24.08 3.54
CA GLN A 436 64.97 22.76 4.12
C GLN A 436 64.06 22.48 5.32
N LYS A 437 63.88 23.45 6.26
CA LYS A 437 62.89 23.18 7.30
C LYS A 437 61.47 23.16 6.73
N LEU A 438 61.16 24.07 5.79
CA LEU A 438 59.85 24.01 5.13
C LEU A 438 59.56 22.59 4.72
N GLN A 439 60.54 21.93 4.13
CA GLN A 439 60.35 20.58 3.66
C GLN A 439 60.27 19.60 4.82
N GLU A 440 61.07 19.83 5.86
CA GLU A 440 60.98 18.93 7.04
C GLU A 440 59.53 18.91 7.52
N LEU A 441 58.99 20.08 7.86
CA LEU A 441 57.61 20.17 8.33
C LEU A 441 56.65 19.54 7.34
N LYS A 442 56.78 19.85 6.05
CA LYS A 442 55.89 19.23 5.09
C LYS A 442 55.91 17.71 5.20
N ASN A 443 57.10 17.13 5.32
CA ASN A 443 57.21 15.68 5.46
C ASN A 443 56.63 15.19 6.77
N LYS A 444 56.36 16.11 7.69
CA LYS A 444 55.79 15.82 9.00
C LYS A 444 54.25 15.82 8.94
N TYR A 445 53.70 16.83 8.28
CA TYR A 445 52.26 16.93 8.05
C TYR A 445 51.73 15.70 7.32
N TYR A 446 52.43 15.26 6.27
CA TYR A 446 52.09 14.00 5.59
C TYR A 446 51.94 12.86 6.59
N GLN A 447 52.88 12.74 7.54
CA GLN A 447 52.86 11.55 8.43
C GLN A 447 51.53 11.38 9.18
N VAL A 448 50.85 12.48 9.53
CA VAL A 448 49.66 12.34 10.39
C VAL A 448 48.65 11.42 9.72
N PRO A 449 48.15 10.40 10.41
CA PRO A 449 47.24 9.43 9.81
C PRO A 449 45.79 9.88 9.88
N ARG A 450 44.90 9.17 9.19
CA ARG A 450 43.44 9.46 9.25
C ARG A 450 43.23 10.96 9.11
N LYS A 451 44.06 11.59 8.30
CA LYS A 451 43.96 13.03 8.16
C LYS A 451 42.83 13.44 7.22
N GLY A 452 42.35 12.51 6.38
CA GLY A 452 41.17 12.72 5.56
C GLY A 452 41.47 13.25 4.18
N ILE A 453 40.46 13.55 3.38
CA ILE A 453 40.69 13.80 1.92
C ILE A 453 41.16 15.16 1.39
N GLN A 454 40.76 16.29 1.94
CA GLN A 454 41.02 17.60 1.32
C GLN A 454 42.36 17.99 1.96
N ALA A 455 43.16 16.99 2.32
CA ALA A 455 44.47 17.31 2.89
C ALA A 455 45.36 17.98 1.83
N LYS A 456 45.61 17.28 0.69
CA LYS A 456 46.49 17.86 -0.33
C LYS A 456 46.00 19.18 -0.87
N GLU A 457 44.70 19.36 -0.89
CA GLU A 457 44.22 20.71 -1.30
C GLU A 457 44.47 21.74 -0.22
N VAL A 458 44.24 21.41 1.06
CA VAL A 458 44.35 22.49 2.02
C VAL A 458 45.80 22.92 2.12
N LEU A 459 46.71 21.96 2.30
CA LEU A 459 48.15 22.25 2.34
C LEU A 459 48.56 23.16 1.18
N LYS A 460 48.23 22.77 -0.04
CA LYS A 460 48.76 23.49 -1.18
C LYS A 460 48.30 24.93 -1.16
N LYS A 461 47.06 25.17 -0.77
CA LYS A 461 46.59 26.55 -0.78
C LYS A 461 47.46 27.40 0.12
N TYR A 462 47.80 26.87 1.30
CA TYR A 462 48.63 27.63 2.22
C TYR A 462 49.97 27.95 1.58
N LEU A 463 50.58 26.99 0.88
CA LEU A 463 51.91 27.26 0.35
C LEU A 463 51.84 28.21 -0.83
N GLU A 464 50.70 28.30 -1.53
CA GLU A 464 50.58 29.33 -2.55
C GLU A 464 50.62 30.70 -1.92
N SER A 465 50.17 30.79 -0.67
CA SER A 465 50.39 32.01 0.10
C SER A 465 51.88 32.28 0.24
N LYS A 466 52.68 31.23 0.44
CA LYS A 466 54.07 31.36 0.84
C LYS A 466 55.07 31.00 -0.25
N GLU A 467 54.64 30.91 -1.51
CA GLU A 467 55.58 30.76 -2.61
C GLU A 467 56.49 31.99 -2.71
N ASP A 468 55.96 33.16 -2.40
CA ASP A 468 56.64 34.42 -2.63
C ASP A 468 57.54 34.85 -1.48
N VAL A 469 57.36 34.29 -0.28
CA VAL A 469 58.29 34.63 0.79
C VAL A 469 59.65 34.00 0.49
N ALA A 470 59.65 32.83 -0.15
CA ALA A 470 60.91 32.18 -0.54
C ALA A 470 61.44 32.72 -1.86
N ASP A 471 60.55 32.98 -2.83
CA ASP A 471 60.97 33.71 -4.02
C ASP A 471 61.66 35.01 -3.63
N ALA A 472 61.14 35.67 -2.59
CA ALA A 472 61.79 36.89 -2.11
C ALA A 472 63.15 36.59 -1.48
N LEU A 473 63.25 35.48 -0.75
CA LEU A 473 64.52 35.16 -0.08
C LEU A 473 65.56 34.71 -1.08
N LEU A 474 65.13 33.94 -2.09
CA LEU A 474 66.03 33.45 -3.14
C LEU A 474 66.84 34.57 -3.76
N GLN A 475 66.23 35.75 -3.88
CA GLN A 475 66.92 36.84 -4.61
C GLN A 475 67.73 37.72 -3.67
N THR A 476 67.37 37.76 -2.40
CA THR A 476 68.04 38.72 -1.48
C THR A 476 69.18 38.06 -0.72
N ASP A 477 69.31 36.74 -0.87
CA ASP A 477 70.42 36.03 -0.20
C ASP A 477 71.74 36.53 -0.79
N GLN A 478 72.82 36.47 -0.01
CA GLN A 478 74.13 36.87 -0.49
C GLN A 478 75.15 35.74 -0.52
N SER A 479 74.78 34.50 -0.17
CA SER A 479 75.76 33.42 -0.19
C SER A 479 75.72 32.62 -1.48
N LEU A 480 74.62 32.72 -2.22
CA LEU A 480 74.37 31.99 -3.45
C LEU A 480 74.93 32.73 -4.65
N SER A 481 75.41 31.98 -5.64
CA SER A 481 75.83 32.55 -6.91
C SER A 481 74.65 32.72 -7.85
N GLU A 482 74.88 33.38 -8.99
CA GLU A 482 73.81 33.53 -9.97
C GLU A 482 73.46 32.20 -10.64
N LYS A 483 74.50 31.39 -10.91
CA LYS A 483 74.28 30.01 -11.37
C LYS A 483 73.27 29.29 -10.49
N GLU A 484 73.50 29.32 -9.18
CA GLU A 484 72.69 28.56 -8.24
C GLU A 484 71.25 29.09 -8.20
N LYS A 485 71.08 30.41 -8.20
CA LYS A 485 69.73 30.97 -8.18
C LYS A 485 68.97 30.59 -9.44
N ALA A 486 69.67 30.54 -10.59
CA ALA A 486 69.03 30.13 -11.84
C ALA A 486 68.57 28.66 -11.77
N ILE A 487 69.48 27.78 -11.35
CA ILE A 487 69.14 26.38 -11.11
C ILE A 487 67.91 26.26 -10.21
N GLU A 488 67.83 27.08 -9.17
CA GLU A 488 66.70 26.89 -8.23
C GLU A 488 65.42 27.41 -8.86
N VAL A 489 65.48 28.50 -9.59
CA VAL A 489 64.23 28.93 -10.22
C VAL A 489 63.70 27.82 -11.13
N GLU A 490 64.65 27.12 -11.76
CA GLU A 490 64.28 26.00 -12.69
C GLU A 490 63.66 24.84 -11.90
N ARG A 491 64.21 24.51 -10.73
CA ARG A 491 63.68 23.39 -9.96
C ARG A 491 62.33 23.74 -9.31
N ILE A 492 62.10 25.00 -8.93
CA ILE A 492 60.78 25.33 -8.40
C ILE A 492 59.70 25.29 -9.50
N LYS A 493 60.05 25.64 -10.75
CA LYS A 493 59.12 25.39 -11.86
C LYS A 493 58.76 23.89 -11.97
N ALA A 494 59.79 23.03 -11.99
CA ALA A 494 59.56 21.59 -12.06
C ALA A 494 58.65 21.09 -10.93
N GLU A 495 58.96 21.54 -9.71
CA GLU A 495 58.21 21.11 -8.52
C GLU A 495 56.72 21.43 -8.72
N SER A 496 56.43 22.72 -8.90
CA SER A 496 55.03 23.10 -9.12
C SER A 496 54.39 22.23 -10.21
N ALA A 497 55.17 21.86 -11.24
CA ALA A 497 54.61 21.10 -12.36
C ALA A 497 54.09 19.75 -11.86
N GLU A 498 54.92 19.04 -11.07
CA GLU A 498 54.54 17.70 -10.53
C GLU A 498 53.41 17.85 -9.52
N ALA A 499 53.36 18.97 -8.81
CA ALA A 499 52.26 19.21 -7.86
C ALA A 499 50.92 19.38 -8.56
N ALA A 500 50.87 20.19 -9.63
CA ALA A 500 49.63 20.36 -10.37
C ALA A 500 49.21 19.05 -11.07
N LYS A 501 50.20 18.30 -11.59
CA LYS A 501 49.88 17.03 -12.22
C LYS A 501 49.19 16.09 -11.23
N LYS A 502 49.82 15.85 -10.07
CA LYS A 502 49.23 14.97 -9.08
C LYS A 502 47.88 15.47 -8.58
N MET A 503 47.70 16.80 -8.49
CA MET A 503 46.39 17.34 -8.13
C MET A 503 45.32 16.88 -9.12
N LEU A 504 45.61 17.00 -10.41
CA LEU A 504 44.62 16.60 -11.40
C LEU A 504 44.39 15.10 -11.37
N GLU A 505 45.41 14.34 -11.03
CA GLU A 505 45.23 12.87 -11.03
C GLU A 505 44.32 12.49 -9.86
N GLU A 506 44.37 13.23 -8.76
CA GLU A 506 43.48 12.95 -7.61
C GLU A 506 42.07 13.29 -8.05
N ILE A 507 41.89 14.47 -8.62
CA ILE A 507 40.52 14.84 -8.98
C ILE A 507 39.91 13.84 -9.97
N GLN A 508 40.66 13.38 -10.97
CA GLN A 508 40.00 12.40 -11.86
C GLN A 508 39.64 11.15 -11.04
N LYS A 509 40.55 10.65 -10.20
CA LYS A 509 40.30 9.44 -9.38
C LYS A 509 38.99 9.63 -8.60
N LYS A 510 38.82 10.77 -7.94
CA LYS A 510 37.60 11.04 -7.18
C LYS A 510 36.35 11.00 -8.07
N ASN A 511 36.38 11.69 -9.22
CA ASN A 511 35.23 11.70 -10.12
C ASN A 511 34.92 10.32 -10.69
N GLU A 512 35.95 9.50 -10.91
CA GLU A 512 35.67 8.14 -11.37
C GLU A 512 34.99 7.30 -10.29
N GLU A 513 35.46 7.44 -9.04
CA GLU A 513 34.83 6.70 -7.91
C GLU A 513 33.36 7.11 -7.86
N MET A 514 33.08 8.41 -7.86
CA MET A 514 31.72 8.93 -7.87
C MET A 514 30.90 8.24 -8.96
N MET A 515 31.51 7.98 -10.13
CA MET A 515 30.68 7.45 -11.21
C MET A 515 30.49 5.94 -11.02
N GLU A 516 31.47 5.22 -10.53
CA GLU A 516 31.25 3.83 -10.09
C GLU A 516 30.07 3.72 -9.16
N GLN A 517 30.08 4.55 -8.14
CA GLN A 517 29.02 4.49 -7.16
C GLN A 517 27.67 4.77 -7.80
N LYS A 518 27.57 5.83 -8.62
CA LYS A 518 26.27 6.11 -9.22
C LYS A 518 25.78 4.91 -10.00
N GLU A 519 26.69 4.27 -10.74
CA GLU A 519 26.29 3.16 -11.58
C GLU A 519 25.86 1.98 -10.74
N LYS A 520 26.55 1.73 -9.64
CA LYS A 520 26.20 0.54 -8.89
C LYS A 520 24.96 0.72 -8.03
N SER A 521 24.72 1.94 -7.56
CA SER A 521 23.42 2.21 -6.95
C SER A 521 22.30 1.96 -7.93
N TYR A 522 22.47 2.41 -9.19
CA TYR A 522 21.42 2.15 -10.17
C TYR A 522 21.26 0.66 -10.43
N GLN A 523 22.37 -0.07 -10.46
CA GLN A 523 22.29 -1.52 -10.58
C GLN A 523 21.49 -2.14 -9.42
N GLU A 524 21.72 -1.71 -8.18
CA GLU A 524 21.00 -2.31 -7.07
C GLU A 524 19.50 -2.02 -7.15
N HIS A 525 19.14 -0.80 -7.56
CA HIS A 525 17.74 -0.50 -7.84
C HIS A 525 17.14 -1.47 -8.85
N VAL A 526 17.73 -1.62 -10.06
CA VAL A 526 17.05 -2.51 -11.00
C VAL A 526 17.04 -3.94 -10.48
N LYS A 527 18.12 -4.38 -9.82
CA LYS A 527 18.13 -5.79 -9.42
C LYS A 527 16.92 -6.09 -8.53
N GLN A 528 16.74 -5.27 -7.50
CA GLN A 528 15.64 -5.49 -6.55
C GLN A 528 14.30 -5.27 -7.25
N LEU A 529 14.17 -4.25 -8.06
CA LEU A 529 12.88 -3.98 -8.67
C LEU A 529 12.45 -5.11 -9.62
N THR A 530 13.37 -5.64 -10.43
CA THR A 530 12.91 -6.69 -11.33
C THR A 530 12.55 -7.97 -10.56
N GLU A 531 13.25 -8.28 -9.45
CA GLU A 531 12.81 -9.44 -8.66
C GLU A 531 11.40 -9.22 -8.08
N LYS A 532 11.15 -8.02 -7.53
CA LYS A 532 9.81 -7.72 -7.06
C LYS A 532 8.78 -7.92 -8.17
N MET A 533 9.03 -7.37 -9.36
CA MET A 533 8.03 -7.50 -10.43
C MET A 533 7.83 -8.95 -10.89
N GLU A 534 8.87 -9.78 -10.74
CA GLU A 534 8.76 -11.23 -11.07
C GLU A 534 7.77 -11.88 -10.10
N ARG A 535 7.70 -11.43 -8.85
CA ARG A 535 6.67 -12.02 -7.98
C ARG A 535 5.31 -11.39 -8.32
N ASP A 536 5.24 -10.06 -8.34
CA ASP A 536 3.93 -9.45 -8.55
C ASP A 536 3.24 -10.05 -9.77
N ARG A 537 3.99 -10.30 -10.84
CA ARG A 537 3.39 -10.96 -12.00
C ARG A 537 2.94 -12.38 -11.65
N ALA A 538 3.66 -13.06 -10.76
CA ALA A 538 3.23 -14.41 -10.39
C ALA A 538 1.86 -14.37 -9.70
N GLN A 539 1.69 -13.41 -8.79
CA GLN A 539 0.37 -13.24 -8.16
C GLN A 539 -0.65 -13.01 -9.27
N LEU A 540 -0.44 -11.99 -10.11
CA LEU A 540 -1.46 -11.68 -11.12
C LEU A 540 -1.78 -12.89 -12.00
N MET A 541 -0.77 -13.69 -12.34
CA MET A 541 -1.03 -14.92 -13.08
C MET A 541 -2.00 -15.82 -12.32
N ALA A 542 -1.74 -16.03 -11.03
CA ALA A 542 -2.59 -16.97 -10.27
C ALA A 542 -4.02 -16.47 -10.20
N GLU A 543 -4.16 -15.19 -9.89
CA GLU A 543 -5.52 -14.61 -9.78
C GLU A 543 -6.20 -14.70 -11.13
N GLN A 544 -5.47 -14.45 -12.22
CA GLN A 544 -6.17 -14.42 -13.49
C GLN A 544 -6.49 -15.78 -14.00
N GLU A 545 -5.68 -16.76 -13.64
CA GLU A 545 -6.11 -18.13 -13.90
C GLU A 545 -7.37 -18.51 -13.12
N LYS A 546 -7.47 -18.15 -11.84
CA LYS A 546 -8.68 -18.57 -11.11
C LYS A 546 -9.89 -17.94 -11.78
N THR A 547 -9.82 -16.65 -12.02
CA THR A 547 -10.93 -16.02 -12.74
C THR A 547 -11.26 -16.71 -14.07
N LEU A 548 -10.26 -17.07 -14.86
CA LEU A 548 -10.60 -17.73 -16.11
C LEU A 548 -11.37 -19.02 -15.86
N ALA A 549 -10.95 -19.82 -14.88
CA ALA A 549 -11.65 -21.08 -14.64
C ALA A 549 -13.11 -20.82 -14.28
N LEU A 550 -13.36 -19.81 -13.44
CA LEU A 550 -14.75 -19.49 -13.09
C LEU A 550 -15.55 -19.09 -14.33
N LYS A 551 -14.95 -18.28 -15.20
CA LYS A 551 -15.64 -17.85 -16.41
C LYS A 551 -15.97 -19.04 -17.30
N LEU A 552 -15.11 -20.05 -17.33
CA LEU A 552 -15.42 -21.22 -18.15
C LEU A 552 -16.57 -22.01 -17.57
N GLN A 553 -16.53 -22.28 -16.26
CA GLN A 553 -17.63 -23.04 -15.67
C GLN A 553 -18.96 -22.37 -15.96
N GLU A 554 -19.03 -21.05 -15.84
CA GLU A 554 -20.32 -20.43 -16.11
C GLU A 554 -20.70 -20.44 -17.58
N GLN A 555 -19.72 -20.33 -18.51
CA GLN A 555 -20.14 -20.43 -19.90
C GLN A 555 -20.64 -21.83 -20.23
N GLU A 556 -20.09 -22.85 -19.56
CA GLU A 556 -20.50 -24.24 -19.85
C GLU A 556 -21.89 -24.47 -19.25
N ARG A 557 -22.18 -23.83 -18.11
CA ARG A 557 -23.52 -23.96 -17.55
C ARG A 557 -24.55 -23.27 -18.42
N LEU A 558 -24.25 -22.05 -18.89
CA LEU A 558 -25.16 -21.41 -19.83
C LEU A 558 -25.34 -22.23 -21.11
N LEU A 559 -24.29 -22.92 -21.57
CA LEU A 559 -24.40 -23.71 -22.79
C LEU A 559 -25.29 -24.93 -22.57
N LYS A 560 -24.97 -25.72 -21.52
CA LYS A 560 -25.81 -26.87 -21.22
C LYS A 560 -27.25 -26.48 -20.97
N GLU A 561 -27.51 -25.35 -20.33
CA GLU A 561 -28.92 -24.98 -20.20
C GLU A 561 -29.53 -24.56 -21.55
N GLY A 562 -28.71 -24.39 -22.59
CA GLY A 562 -29.20 -24.00 -23.89
C GLY A 562 -29.38 -22.51 -24.09
N PHE A 563 -28.36 -21.70 -23.74
CA PHE A 563 -28.38 -20.25 -23.98
C PHE A 563 -27.06 -19.85 -24.63
N GLU A 564 -26.88 -20.24 -25.91
CA GLU A 564 -25.58 -20.09 -26.56
C GLU A 564 -25.17 -18.62 -26.65
N ASN A 565 -26.11 -17.75 -27.02
CA ASN A 565 -25.90 -16.31 -27.10
C ASN A 565 -25.21 -15.76 -25.85
N GLU A 566 -25.66 -16.24 -24.68
CA GLU A 566 -25.07 -15.82 -23.43
C GLU A 566 -23.65 -16.35 -23.29
N SER A 567 -23.46 -17.65 -23.52
CA SER A 567 -22.11 -18.20 -23.51
C SER A 567 -21.22 -17.53 -24.57
N LYS A 568 -21.79 -16.98 -25.64
CA LYS A 568 -21.01 -16.26 -26.65
C LYS A 568 -20.55 -14.88 -26.16
N ARG A 569 -21.46 -14.12 -25.51
CA ARG A 569 -21.04 -12.89 -24.83
C ARG A 569 -19.93 -13.19 -23.85
N LEU A 570 -20.06 -14.30 -23.14
CA LEU A 570 -19.06 -14.59 -22.12
C LEU A 570 -17.76 -15.03 -22.79
N GLN A 571 -17.85 -15.57 -24.00
CA GLN A 571 -16.68 -15.88 -24.82
C GLN A 571 -15.87 -14.60 -25.12
N LYS A 572 -16.56 -13.56 -25.63
CA LYS A 572 -15.88 -12.25 -25.77
C LYS A 572 -15.21 -11.86 -24.46
N ASP A 573 -15.89 -12.11 -23.33
CA ASP A 573 -15.25 -11.77 -22.04
C ASP A 573 -13.98 -12.60 -21.79
N ILE A 574 -13.94 -13.87 -22.21
CA ILE A 574 -12.73 -14.66 -21.91
C ILE A 574 -11.57 -14.16 -22.77
N TRP A 575 -11.82 -13.93 -24.07
CA TRP A 575 -10.74 -13.42 -24.93
C TRP A 575 -10.02 -12.25 -24.25
N ASP A 576 -10.79 -11.19 -23.95
CA ASP A 576 -10.26 -9.96 -23.37
C ASP A 576 -9.50 -10.19 -22.06
N ILE A 577 -9.64 -11.35 -21.42
CA ILE A 577 -8.81 -11.63 -20.25
C ILE A 577 -7.39 -12.02 -20.69
N GLN A 578 -7.29 -12.74 -21.80
CA GLN A 578 -5.97 -13.08 -22.35
C GLN A 578 -5.39 -11.98 -23.24
N MET A 579 -6.14 -10.88 -23.45
CA MET A 579 -5.72 -9.72 -24.30
C MET A 579 -5.10 -10.19 -25.62
#